data_4EYR
#
_entry.id   4EYR
#
_cell.length_a   45.398
_cell.length_b   45.398
_cell.length_c   104.071
_cell.angle_alpha   90.00
_cell.angle_beta   90.00
_cell.angle_gamma   90.00
#
_symmetry.space_group_name_H-M   'P 41'
#
loop_
_entity.id
_entity.type
_entity.pdbx_description
1 polymer 'HIV-1 PROTEASE'
2 non-polymer RITONAVIR
3 water water
#
_entity_poly.entity_id   1
_entity_poly.type   'polypeptide(L)'
_entity_poly.pdbx_seq_one_letter_code
;PQITLWQRPIVTIKIGGQLKEALLNTGADDTVLEEVNLPGRWKPKLIGGIGGFVKVRQYDQVPIEICGHKVIGTVLVGPT
PTNVIGRNLMTQIGCTLNF
;
_entity_poly.pdbx_strand_id   A,B
#
loop_
_chem_comp.id
_chem_comp.type
_chem_comp.name
_chem_comp.formula
RIT peptide-like RITONAVIR 'C37 H48 N6 O5 S2'
#
# COMPACT_ATOMS: atom_id res chain seq x y z
N PRO A 1 -5.14 -3.26 -17.48
CA PRO A 1 -6.34 -2.48 -17.14
C PRO A 1 -5.99 -1.16 -16.45
N GLN A 2 -7.00 -0.32 -16.27
CA GLN A 2 -6.89 0.86 -15.41
C GLN A 2 -7.77 0.64 -14.20
N ILE A 3 -7.16 0.70 -13.02
CA ILE A 3 -7.88 0.40 -11.77
C ILE A 3 -7.99 1.68 -10.97
N THR A 4 -9.22 2.16 -10.74
CA THR A 4 -9.42 3.35 -9.92
C THR A 4 -9.39 2.92 -8.45
N LEU A 5 -9.29 3.86 -7.52
CA LEU A 5 -8.99 3.50 -6.13
C LEU A 5 -10.13 3.82 -5.15
N TRP A 6 -11.37 3.82 -5.66
CA TRP A 6 -12.52 4.06 -4.77
C TRP A 6 -12.75 2.87 -3.89
N GLN A 7 -12.41 1.67 -4.40
CA GLN A 7 -12.44 0.46 -3.56
C GLN A 7 -11.02 -0.11 -3.47
N ARG A 8 -10.85 -1.09 -2.59
CA ARG A 8 -9.51 -1.73 -2.45
C ARG A 8 -9.18 -2.47 -3.72
N PRO A 9 -7.93 -2.32 -4.24
CA PRO A 9 -7.58 -2.93 -5.55
C PRO A 9 -7.20 -4.40 -5.43
N ILE A 10 -8.25 -5.21 -5.28
CA ILE A 10 -8.11 -6.65 -5.08
C ILE A 10 -8.25 -7.28 -6.47
N VAL A 11 -7.33 -8.18 -6.77
CA VAL A 11 -7.27 -8.81 -8.09
C VAL A 11 -7.12 -10.33 -7.90
N THR A 12 -7.44 -11.08 -8.96
CA THR A 12 -7.24 -12.54 -8.96
C THR A 12 -5.86 -12.86 -9.47
N ILE A 13 -5.20 -13.78 -8.76
CA ILE A 13 -3.90 -14.27 -9.17
C ILE A 13 -4.00 -15.79 -9.32
N LYS A 14 -3.09 -16.34 -10.11
CA LYS A 14 -2.92 -17.78 -10.22
C LYS A 14 -1.54 -18.12 -9.73
N ILE A 15 -1.48 -18.92 -8.68
CA ILE A 15 -0.20 -19.33 -8.11
C ILE A 15 -0.31 -20.73 -7.53
N GLY A 16 0.77 -21.50 -7.69
CA GLY A 16 0.89 -22.85 -7.13
C GLY A 16 -0.32 -23.70 -7.43
N GLY A 17 -0.76 -23.64 -8.69
CA GLY A 17 -1.98 -24.31 -9.16
C GLY A 17 -3.31 -23.90 -8.53
N GLN A 18 -3.37 -22.72 -7.89
CA GLN A 18 -4.57 -22.27 -7.20
C GLN A 18 -4.96 -20.84 -7.66
N LEU A 19 -6.25 -20.52 -7.67
CA LEU A 19 -6.71 -19.13 -7.85
C LEU A 19 -6.91 -18.50 -6.49
N LYS A 20 -6.23 -17.37 -6.26
CA LYS A 20 -6.32 -16.62 -5.01
C LYS A 20 -6.68 -15.15 -5.31
N GLU A 21 -7.08 -14.41 -4.28
CA GLU A 21 -7.35 -12.98 -4.37
C GLU A 21 -6.23 -12.31 -3.60
N ALA A 22 -5.78 -11.16 -4.10
CA ALA A 22 -4.71 -10.40 -3.42
C ALA A 22 -4.84 -8.91 -3.68
N LEU A 23 -4.28 -8.12 -2.77
CA LEU A 23 -4.38 -6.67 -2.82
C LEU A 23 -3.14 -6.10 -3.51
N LEU A 24 -3.36 -5.28 -4.55
CA LEU A 24 -2.27 -4.52 -5.18
C LEU A 24 -1.85 -3.42 -4.22
N ASN A 25 -0.65 -3.55 -3.64
CA ASN A 25 -0.28 -2.70 -2.51
C ASN A 25 1.06 -1.98 -2.75
N THR A 26 0.98 -0.75 -3.23
CA THR A 26 2.17 0.06 -3.53
C THR A 26 2.95 0.43 -2.27
N GLY A 27 2.32 0.28 -1.08
CA GLY A 27 3.01 0.51 0.18
C GLY A 27 3.83 -0.66 0.66
N ALA A 28 3.79 -1.80 -0.06
CA ALA A 28 4.49 -2.99 0.38
C ALA A 28 5.65 -3.24 -0.54
N ASP A 29 6.84 -3.45 0.03
CA ASP A 29 8.01 -3.80 -0.83
C ASP A 29 7.87 -5.19 -1.49
N ASP A 30 7.33 -6.13 -0.71
CA ASP A 30 7.32 -7.54 -1.06
C ASP A 30 5.92 -8.10 -1.17
N THR A 31 5.84 -9.28 -1.77
CA THR A 31 4.60 -10.00 -2.00
C THR A 31 4.51 -11.09 -0.93
N VAL A 32 3.41 -11.09 -0.17
CA VAL A 32 3.24 -12.09 0.91
C VAL A 32 1.88 -12.78 0.73
N LEU A 33 1.90 -14.09 0.65
CA LEU A 33 0.67 -14.84 0.45
C LEU A 33 0.58 -15.95 1.50
N GLU A 34 -0.63 -16.24 1.95
CA GLU A 34 -0.81 -17.40 2.84
C GLU A 34 -1.53 -18.59 2.18
N GLU A 35 -1.39 -19.78 2.79
CA GLU A 35 -2.04 -21.01 2.30
C GLU A 35 -1.84 -21.29 0.81
N VAL A 36 -0.57 -21.26 0.43
CA VAL A 36 -0.16 -21.67 -0.89
C VAL A 36 0.96 -22.68 -0.66
N ASN A 37 0.98 -23.73 -1.46
CA ASN A 37 2.01 -24.72 -1.33
C ASN A 37 2.90 -24.65 -2.57
N LEU A 38 4.13 -24.19 -2.38
CA LEU A 38 5.03 -23.98 -3.50
C LEU A 38 6.11 -25.05 -3.46
N PRO A 39 6.49 -25.59 -4.64
CA PRO A 39 7.54 -26.59 -4.74
C PRO A 39 8.97 -26.03 -4.64
N GLY A 40 9.90 -26.90 -4.25
CA GLY A 40 11.32 -26.57 -4.33
C GLY A 40 11.88 -25.81 -3.15
N ARG A 41 13.03 -25.19 -3.35
CA ARG A 41 13.79 -24.68 -2.22
C ARG A 41 13.35 -23.28 -1.82
N TRP A 42 13.57 -22.97 -0.55
CA TRP A 42 13.24 -21.68 0.01
C TRP A 42 14.28 -21.40 1.08
N LYS A 43 14.29 -20.18 1.58
CA LYS A 43 15.09 -19.81 2.74
C LYS A 43 14.21 -18.94 3.61
N PRO A 44 14.39 -19.02 4.93
CA PRO A 44 13.62 -18.16 5.85
C PRO A 44 13.95 -16.67 5.63
N LYS A 45 12.96 -15.83 5.85
CA LYS A 45 13.14 -14.40 5.77
C LYS A 45 12.38 -13.84 6.96
N LEU A 46 12.97 -12.83 7.61
CA LEU A 46 12.29 -12.06 8.64
C LEU A 46 11.67 -10.80 8.06
N ILE A 47 10.37 -10.65 8.23
CA ILE A 47 9.70 -9.45 7.74
C ILE A 47 8.98 -8.73 8.88
N GLY A 48 8.41 -7.59 8.56
CA GLY A 48 7.75 -6.82 9.59
C GLY A 48 8.83 -6.12 10.39
N GLY A 49 8.79 -6.28 11.70
CA GLY A 49 9.84 -5.69 12.54
C GLY A 49 9.30 -4.94 13.72
N ILE A 50 8.14 -4.33 13.56
CA ILE A 50 7.57 -3.51 14.62
C ILE A 50 6.89 -4.44 15.63
N GLY A 51 7.47 -4.55 16.83
CA GLY A 51 6.90 -5.41 17.90
C GLY A 51 7.47 -6.82 17.90
N GLY A 52 8.33 -7.07 16.93
CA GLY A 52 8.89 -8.40 16.68
C GLY A 52 8.91 -8.56 15.17
N PHE A 53 9.64 -9.54 14.70
CA PHE A 53 9.64 -9.91 13.31
C PHE A 53 8.73 -11.12 13.13
N VAL A 54 8.27 -11.31 11.90
CA VAL A 54 7.52 -12.51 11.48
C VAL A 54 8.43 -13.31 10.55
N LYS A 55 8.57 -14.60 10.78
CA LYS A 55 9.38 -15.42 9.90
C LYS A 55 8.51 -16.02 8.79
N VAL A 56 8.99 -15.90 7.55
CA VAL A 56 8.25 -16.48 6.41
C VAL A 56 9.25 -17.25 5.55
N ARG A 57 8.73 -17.97 4.56
CA ARG A 57 9.58 -18.70 3.63
C ARG A 57 9.64 -17.88 2.34
N GLN A 58 10.88 -17.61 1.90
CA GLN A 58 11.08 -16.86 0.67
C GLN A 58 11.31 -17.82 -0.50
N TYR A 59 10.42 -17.79 -1.48
CA TYR A 59 10.63 -18.56 -2.71
C TYR A 59 11.01 -17.59 -3.83
N ASP A 60 12.07 -17.94 -4.55
CA ASP A 60 12.48 -17.08 -5.66
C ASP A 60 11.99 -17.56 -7.01
N GLN A 61 11.90 -16.61 -7.94
CA GLN A 61 11.57 -16.89 -9.32
C GLN A 61 10.31 -17.74 -9.49
N VAL A 62 9.29 -17.42 -8.72
CA VAL A 62 8.02 -18.11 -8.80
C VAL A 62 7.19 -17.60 -9.99
N PRO A 63 6.74 -18.52 -10.85
CA PRO A 63 5.74 -18.14 -11.86
C PRO A 63 4.36 -17.87 -11.23
N ILE A 64 3.82 -16.73 -11.58
CA ILE A 64 2.57 -16.25 -11.04
C ILE A 64 1.84 -15.46 -12.13
N GLU A 65 0.53 -15.62 -12.20
CA GLU A 65 -0.28 -14.90 -13.15
C GLU A 65 -1.12 -13.89 -12.38
N ILE A 66 -1.02 -12.61 -12.76
CA ILE A 66 -1.72 -11.54 -12.06
C ILE A 66 -2.52 -10.83 -13.11
N CYS A 67 -3.83 -10.95 -13.03
CA CYS A 67 -4.72 -10.43 -14.09
C CYS A 67 -4.35 -10.90 -15.47
N GLY A 68 -3.95 -12.15 -15.60
CA GLY A 68 -3.58 -12.66 -16.92
C GLY A 68 -2.16 -12.38 -17.41
N HIS A 69 -1.45 -11.51 -16.70
CA HIS A 69 -0.02 -11.28 -16.98
C HIS A 69 0.79 -12.38 -16.27
N LYS A 70 1.40 -13.26 -17.06
CA LYS A 70 2.31 -14.28 -16.51
C LYS A 70 3.64 -13.62 -16.27
N VAL A 71 4.08 -13.64 -15.02
CA VAL A 71 5.36 -13.04 -14.65
C VAL A 71 6.08 -14.00 -13.73
N ILE A 72 7.28 -13.59 -13.32
CA ILE A 72 8.15 -14.35 -12.42
C ILE A 72 8.64 -13.45 -11.32
N GLY A 73 8.56 -13.88 -10.07
CA GLY A 73 9.23 -13.07 -9.03
C GLY A 73 9.22 -13.75 -7.67
N THR A 74 9.79 -13.09 -6.68
CA THR A 74 9.88 -13.63 -5.32
C THR A 74 8.53 -13.58 -4.63
N VAL A 75 8.14 -14.70 -4.00
CA VAL A 75 6.89 -14.75 -3.22
C VAL A 75 7.27 -15.18 -1.81
N LEU A 76 6.83 -14.42 -0.80
CA LEU A 76 7.02 -14.81 0.58
C LEU A 76 5.74 -15.55 0.99
N VAL A 77 5.89 -16.72 1.61
CA VAL A 77 4.72 -17.50 2.02
C VAL A 77 4.66 -17.55 3.54
N GLY A 78 3.55 -17.13 4.10
CA GLY A 78 3.44 -17.05 5.54
C GLY A 78 2.18 -16.34 5.93
N PRO A 79 1.95 -16.22 7.25
CA PRO A 79 0.71 -15.62 7.76
C PRO A 79 0.66 -14.16 7.41
N THR A 80 -0.46 -13.76 6.85
CA THR A 80 -0.66 -12.37 6.56
C THR A 80 -2.15 -12.09 6.68
N PRO A 81 -2.49 -10.96 7.32
CA PRO A 81 -3.89 -10.59 7.46
C PRO A 81 -4.61 -10.56 6.13
N THR A 82 -3.96 -10.12 5.07
CA THR A 82 -4.56 -10.24 3.73
C THR A 82 -3.45 -10.53 2.71
N ASN A 83 -3.77 -11.22 1.61
CA ASN A 83 -2.74 -11.55 0.59
C ASN A 83 -2.34 -10.26 -0.08
N VAL A 84 -1.04 -10.03 -0.23
CA VAL A 84 -0.55 -8.73 -0.74
C VAL A 84 0.36 -8.96 -1.94
N ILE A 85 0.10 -8.28 -3.05
CA ILE A 85 1.02 -8.18 -4.19
C ILE A 85 1.80 -6.88 -3.94
N GLY A 86 3.09 -6.98 -3.70
CA GLY A 86 3.92 -5.80 -3.41
C GLY A 86 4.60 -5.24 -4.65
N ARG A 87 5.40 -4.19 -4.45
CA ARG A 87 6.05 -3.57 -5.60
C ARG A 87 6.90 -4.51 -6.42
N ASN A 88 7.50 -5.52 -5.78
CA ASN A 88 8.37 -6.45 -6.50
C ASN A 88 7.65 -7.11 -7.67
N LEU A 89 6.37 -7.43 -7.54
CA LEU A 89 5.63 -8.03 -8.67
C LEU A 89 4.94 -7.00 -9.54
N MET A 90 4.55 -5.86 -8.94
CA MET A 90 3.98 -4.81 -9.76
C MET A 90 4.94 -4.30 -10.82
N THR A 91 6.23 -4.26 -10.51
CA THR A 91 7.17 -3.86 -11.56
C THR A 91 7.19 -4.87 -12.69
N GLN A 92 7.10 -6.15 -12.35
CA GLN A 92 7.12 -7.23 -13.36
C GLN A 92 5.96 -7.17 -14.32
N ILE A 93 4.76 -6.83 -13.81
CA ILE A 93 3.61 -6.70 -14.69
C ILE A 93 3.55 -5.35 -15.42
N GLY A 94 4.47 -4.44 -15.10
CA GLY A 94 4.55 -3.10 -15.67
C GLY A 94 3.49 -2.15 -15.13
N CYS A 95 3.10 -2.36 -13.86
CA CYS A 95 2.08 -1.57 -13.20
C CYS A 95 2.66 -0.24 -12.73
N THR A 96 2.01 0.87 -13.08
CA THR A 96 2.42 2.20 -12.65
C THR A 96 1.30 2.93 -11.96
N LEU A 97 1.65 3.95 -11.17
CA LEU A 97 0.66 4.91 -10.66
C LEU A 97 0.60 6.09 -11.63
N ASN A 98 -0.60 6.55 -11.92
CA ASN A 98 -0.77 7.65 -12.90
C ASN A 98 -1.80 8.69 -12.46
N PHE A 99 -1.45 9.97 -12.56
CA PHE A 99 -2.41 11.04 -12.35
C PHE A 99 -2.05 12.34 -13.08
N PRO B 1 1.77 12.75 -13.33
CA PRO B 1 2.94 11.99 -13.75
C PRO B 1 2.67 10.50 -13.83
N GLN B 2 3.65 9.77 -14.34
CA GLN B 2 3.63 8.33 -14.27
C GLN B 2 4.76 7.90 -13.34
N ILE B 3 4.40 7.15 -12.31
CA ILE B 3 5.35 6.74 -11.27
C ILE B 3 5.52 5.21 -11.37
N THR B 4 6.74 4.77 -11.69
CA THR B 4 7.05 3.34 -11.71
C THR B 4 7.35 2.90 -10.26
N LEU B 5 7.40 1.59 -10.02
CA LEU B 5 7.36 1.09 -8.65
C LEU B 5 8.65 0.34 -8.26
N TRP B 6 9.77 0.67 -8.94
CA TRP B 6 11.06 0.06 -8.59
C TRP B 6 11.54 0.58 -7.27
N GLN B 7 11.18 1.82 -6.93
CA GLN B 7 11.42 2.37 -5.60
C GLN B 7 10.09 2.71 -4.92
N ARG B 8 10.15 3.01 -3.63
CA ARG B 8 8.92 3.39 -2.90
C ARG B 8 8.41 4.68 -3.46
N PRO B 9 7.08 4.76 -3.70
CA PRO B 9 6.52 5.97 -4.33
C PRO B 9 6.27 7.10 -3.34
N ILE B 10 7.37 7.74 -2.95
CA ILE B 10 7.33 8.83 -1.98
C ILE B 10 7.24 10.14 -2.78
N VAL B 11 6.34 10.99 -2.34
CA VAL B 11 6.06 12.22 -3.06
C VAL B 11 6.05 13.37 -2.03
N THR B 12 6.19 14.61 -2.53
CA THR B 12 6.10 15.80 -1.68
C THR B 12 4.67 16.27 -1.61
N ILE B 13 4.22 16.60 -0.42
CA ILE B 13 2.90 17.16 -0.22
C ILE B 13 3.06 18.51 0.48
N LYS B 14 2.05 19.36 0.35
CA LYS B 14 1.99 20.63 1.05
C LYS B 14 0.74 20.54 1.93
N ILE B 15 0.92 20.65 3.23
CA ILE B 15 -0.21 20.57 4.18
C ILE B 15 0.03 21.42 5.43
N GLY B 16 -1.05 22.07 5.89
CA GLY B 16 -1.05 22.91 7.11
C GLY B 16 0.15 23.83 7.18
N GLY B 17 0.43 24.47 6.05
CA GLY B 17 1.62 25.32 5.85
C GLY B 17 3.01 24.68 5.89
N GLN B 18 3.11 23.37 5.67
CA GLN B 18 4.41 22.68 5.70
C GLN B 18 4.62 21.85 4.42
N LEU B 19 5.86 21.65 4.01
CA LEU B 19 6.21 20.62 3.02
C LEU B 19 6.61 19.34 3.75
N LYS B 20 5.94 18.24 3.43
CA LYS B 20 6.23 16.93 4.00
C LYS B 20 6.44 15.89 2.88
N GLU B 21 6.96 14.73 3.24
CA GLU B 21 7.14 13.61 2.31
C GLU B 21 6.15 12.58 2.75
N ALA B 22 5.52 11.91 1.79
CA ALA B 22 4.58 10.82 2.13
C ALA B 22 4.56 9.74 1.06
N LEU B 23 4.16 8.53 1.47
CA LEU B 23 4.15 7.36 0.60
C LEU B 23 2.77 7.19 -0.02
N LEU B 24 2.73 7.13 -1.36
CA LEU B 24 1.49 6.80 -2.09
C LEU B 24 1.19 5.32 -1.85
N ASN B 25 0.14 5.04 -1.06
CA ASN B 25 -0.07 3.68 -0.54
C ASN B 25 -1.46 3.13 -0.90
N THR B 26 -1.53 2.39 -2.00
CA THR B 26 -2.81 1.79 -2.46
C THR B 26 -3.35 0.74 -1.47
N GLY B 27 -2.50 0.27 -0.56
CA GLY B 27 -2.92 -0.72 0.45
C GLY B 27 -3.55 -0.05 1.65
N ALA B 28 -3.57 1.29 1.70
CA ALA B 28 -4.11 2.01 2.85
C ALA B 28 -5.45 2.65 2.46
N ASP B 29 -6.49 2.43 3.28
CA ASP B 29 -7.77 3.12 3.02
C ASP B 29 -7.67 4.64 3.24
N ASP B 30 -6.93 5.04 4.28
CA ASP B 30 -6.92 6.41 4.78
C ASP B 30 -5.54 7.01 4.73
N THR B 31 -5.50 8.33 4.89
CA THR B 31 -4.29 9.11 4.88
C THR B 31 -3.91 9.44 6.33
N VAL B 32 -2.69 9.09 6.73
CA VAL B 32 -2.25 9.34 8.12
C VAL B 32 -0.92 10.07 8.06
N LEU B 33 -0.86 11.19 8.78
CA LEU B 33 0.35 12.01 8.79
C LEU B 33 0.71 12.34 10.22
N GLU B 34 2.01 12.42 10.50
CA GLU B 34 2.42 12.85 11.84
C GLU B 34 3.08 14.24 11.86
N GLU B 35 3.10 14.83 13.05
CA GLU B 35 3.62 16.19 13.27
C GLU B 35 3.24 17.24 12.23
N VAL B 36 1.93 17.44 12.14
CA VAL B 36 1.35 18.56 11.43
C VAL B 36 0.34 19.15 12.40
N ASN B 37 0.21 20.47 12.40
CA ASN B 37 -0.78 21.11 13.25
C ASN B 37 -1.82 21.65 12.30
N LEU B 38 -3.03 21.08 12.39
CA LEU B 38 -4.13 21.50 11.54
C LEU B 38 -5.14 22.27 12.37
N PRO B 39 -5.70 23.38 11.81
CA PRO B 39 -6.72 24.19 12.49
C PRO B 39 -8.12 23.57 12.56
N GLY B 40 -8.93 24.04 13.51
CA GLY B 40 -10.36 23.71 13.53
C GLY B 40 -10.71 22.39 14.17
N ARG B 41 -11.92 21.92 13.89
CA ARG B 41 -12.51 20.82 14.66
C ARG B 41 -12.03 19.47 14.15
N TRP B 42 -11.98 18.51 15.06
CA TRP B 42 -11.60 17.15 14.74
C TRP B 42 -12.40 16.24 15.63
N LYS B 43 -12.41 14.96 15.31
CA LYS B 43 -13.01 13.94 16.19
C LYS B 43 -12.03 12.78 16.24
N PRO B 44 -12.06 12.03 17.35
CA PRO B 44 -11.07 10.97 17.46
C PRO B 44 -11.51 9.79 16.57
N LYS B 45 -10.55 9.05 16.07
CA LYS B 45 -10.84 7.89 15.26
C LYS B 45 -9.90 6.81 15.75
N LEU B 46 -10.40 5.58 15.81
CA LEU B 46 -9.58 4.43 16.12
C LEU B 46 -9.16 3.76 14.84
N ILE B 47 -7.86 3.61 14.64
CA ILE B 47 -7.36 2.90 13.47
C ILE B 47 -6.48 1.71 13.82
N GLY B 48 -6.08 0.97 12.80
CA GLY B 48 -5.27 -0.22 13.05
C GLY B 48 -6.19 -1.28 13.59
N GLY B 49 -5.84 -1.85 14.72
CA GLY B 49 -6.72 -2.84 15.34
C GLY B 49 -6.06 -4.16 15.70
N ILE B 50 -5.04 -4.52 14.95
CA ILE B 50 -4.30 -5.76 15.24
C ILE B 50 -3.36 -5.49 16.40
N GLY B 51 -3.64 -6.13 17.56
CA GLY B 51 -2.79 -5.93 18.77
C GLY B 51 -3.31 -4.80 19.65
N GLY B 52 -4.36 -4.15 19.17
CA GLY B 52 -4.93 -2.97 19.83
C GLY B 52 -5.19 -1.96 18.73
N PHE B 53 -5.93 -0.91 19.06
CA PHE B 53 -6.17 0.19 18.14
C PHE B 53 -5.24 1.34 18.50
N VAL B 54 -5.03 2.21 17.52
CA VAL B 54 -4.32 3.50 17.72
C VAL B 54 -5.35 4.63 17.58
N LYS B 55 -5.39 5.55 18.54
CA LYS B 55 -6.30 6.68 18.45
C LYS B 55 -5.62 7.85 17.72
N VAL B 56 -6.32 8.41 16.72
CA VAL B 56 -5.78 9.55 15.99
C VAL B 56 -6.87 10.62 15.92
N ARG B 57 -6.51 11.79 15.44
CA ARG B 57 -7.49 12.86 15.26
C ARG B 57 -7.88 12.89 13.79
N GLN B 58 -9.18 12.86 13.53
CA GLN B 58 -9.69 12.90 12.16
C GLN B 58 -10.09 14.34 11.81
N TYR B 59 -9.43 14.87 10.80
CA TYR B 59 -9.80 16.19 10.27
C TYR B 59 -10.45 16.02 8.91
N ASP B 60 -11.61 16.65 8.73
CA ASP B 60 -12.30 16.54 7.45
C ASP B 60 -12.05 17.71 6.53
N GLN B 61 -12.20 17.44 5.22
CA GLN B 61 -12.12 18.47 4.20
C GLN B 61 -10.88 19.33 4.28
N VAL B 62 -9.74 18.69 4.51
CA VAL B 62 -8.47 19.38 4.61
C VAL B 62 -7.94 19.68 3.22
N PRO B 63 -7.61 20.96 2.94
CA PRO B 63 -6.83 21.28 1.75
C PRO B 63 -5.40 20.79 1.82
N ILE B 64 -5.01 20.07 0.78
CA ILE B 64 -3.69 19.45 0.71
C ILE B 64 -3.24 19.46 -0.76
N GLU B 65 -1.95 19.71 -1.00
CA GLU B 65 -1.40 19.69 -2.34
C GLU B 65 -0.49 18.48 -2.45
N ILE B 66 -0.75 17.64 -3.44
CA ILE B 66 0.02 16.41 -3.62
C ILE B 66 0.53 16.45 -5.04
N CYS B 67 1.85 16.57 -5.17
CA CYS B 67 2.48 16.77 -6.48
C CYS B 67 1.89 17.91 -7.28
N GLY B 68 1.51 18.99 -6.60
CA GLY B 68 0.93 20.13 -7.32
C GLY B 68 -0.55 20.02 -7.68
N HIS B 69 -1.19 18.93 -7.27
CA HIS B 69 -2.63 18.82 -7.38
C HIS B 69 -3.21 19.27 -6.04
N LYS B 70 -3.91 20.40 -6.05
CA LYS B 70 -4.66 20.87 -4.88
C LYS B 70 -5.96 20.11 -4.79
N VAL B 71 -6.14 19.41 -3.66
CA VAL B 71 -7.35 18.62 -3.46
C VAL B 71 -7.83 18.86 -2.04
N ILE B 72 -8.95 18.25 -1.70
CA ILE B 72 -9.55 18.33 -0.38
C ILE B 72 -9.87 16.93 0.09
N GLY B 73 -9.49 16.60 1.33
CA GLY B 73 -9.98 15.29 1.84
C GLY B 73 -9.68 15.12 3.32
N THR B 74 -10.06 13.98 3.87
CA THR B 74 -9.87 13.68 5.29
C THR B 74 -8.41 13.33 5.55
N VAL B 75 -7.84 13.91 6.59
CA VAL B 75 -6.46 13.57 7.01
C VAL B 75 -6.53 13.13 8.46
N LEU B 76 -5.92 11.96 8.75
CA LEU B 76 -5.85 11.52 10.13
C LEU B 76 -4.46 11.98 10.60
N VAL B 77 -4.39 12.57 11.79
CA VAL B 77 -3.13 13.04 12.31
C VAL B 77 -2.78 12.27 13.58
N GLY B 78 -1.62 11.65 13.57
CA GLY B 78 -1.21 10.82 14.69
C GLY B 78 0.05 10.07 14.37
N PRO B 79 0.50 9.22 15.31
CA PRO B 79 1.76 8.49 15.17
C PRO B 79 1.63 7.53 14.01
N THR B 80 2.58 7.57 13.11
CA THR B 80 2.61 6.56 12.07
C THR B 80 4.07 6.30 11.75
N PRO B 81 4.43 5.01 11.57
CA PRO B 81 5.81 4.71 11.21
C PRO B 81 6.26 5.49 10.00
N THR B 82 5.40 5.67 8.99
CA THR B 82 5.74 6.55 7.87
C THR B 82 4.49 7.34 7.40
N ASN B 83 4.65 8.54 6.82
CA ASN B 83 3.49 9.35 6.38
C ASN B 83 2.89 8.65 5.20
N VAL B 84 1.59 8.47 5.20
CA VAL B 84 0.93 7.65 4.17
C VAL B 84 -0.19 8.47 3.50
N ILE B 85 -0.17 8.53 2.17
CA ILE B 85 -1.32 9.03 1.37
C ILE B 85 -2.12 7.78 1.01
N GLY B 86 -3.33 7.64 1.51
CA GLY B 86 -4.11 6.45 1.20
C GLY B 86 -5.10 6.65 0.07
N ARG B 87 -5.92 5.63 -0.17
CA ARG B 87 -6.82 5.72 -1.33
C ARG B 87 -7.74 6.91 -1.29
N ASN B 88 -8.14 7.34 -0.09
CA ASN B 88 -9.09 8.46 0.01
C ASN B 88 -8.58 9.70 -0.70
N LEU B 89 -7.27 9.97 -0.65
CA LEU B 89 -6.75 11.15 -1.37
C LEU B 89 -6.27 10.82 -2.79
N MET B 90 -5.84 9.58 -3.01
CA MET B 90 -5.51 9.20 -4.38
C MET B 90 -6.71 9.29 -5.34
N THR B 91 -7.92 8.99 -4.87
CA THR B 91 -9.08 9.22 -5.74
C THR B 91 -9.25 10.69 -6.12
N GLN B 92 -8.97 11.56 -5.16
CA GLN B 92 -9.15 13.01 -5.35
C GLN B 92 -8.21 13.56 -6.39
N ILE B 93 -6.95 13.09 -6.41
CA ILE B 93 -6.00 13.54 -7.42
C ILE B 93 -6.17 12.82 -8.77
N GLY B 94 -7.04 11.81 -8.79
CA GLY B 94 -7.35 11.05 -10.00
C GLY B 94 -6.28 10.02 -10.30
N CYS B 95 -5.66 9.50 -9.25
CA CYS B 95 -4.56 8.55 -9.35
C CYS B 95 -5.11 7.14 -9.59
N THR B 96 -4.59 6.45 -10.62
CA THR B 96 -5.00 5.08 -10.91
C THR B 96 -3.79 4.15 -11.00
N LEU B 97 -4.05 2.85 -10.87
CA LEU B 97 -3.04 1.83 -11.20
C LEU B 97 -3.27 1.41 -12.66
N ASN B 98 -2.18 1.24 -13.39
CA ASN B 98 -2.27 0.92 -14.83
C ASN B 98 -1.22 -0.12 -15.24
N PHE B 99 -1.65 -1.15 -15.95
CA PHE B 99 -0.72 -2.08 -16.60
C PHE B 99 -1.33 -2.78 -17.83
C1 RIT C . -4.83 2.62 6.81
C2 RIT C . -4.69 1.29 6.42
S3 RIT C . -6.06 0.57 5.62
C4 RIT C . -6.78 2.14 5.90
N5 RIT C . -6.03 3.09 6.48
C6 RIT C . -3.47 0.42 6.63
O7 RIT C . -3.29 -0.54 5.62
C10 RIT C . -1.93 -0.73 5.17
O24 RIT C . -1.13 0.18 5.25
N11 RIT C . -1.62 -1.92 4.68
C12 RIT C . -0.28 -2.47 4.62
C13 RIT C . 0.67 -1.64 3.73
C14 RIT C . 1.71 -0.89 4.57
C15 RIT C . 2.81 -1.86 4.93
C26 RIT C . -0.40 -3.90 4.10
C28 RIT C . -1.83 -4.33 4.31
C31 RIT C . -2.11 -5.36 5.22
C32 RIT C . -3.43 -5.73 5.41
C33 RIT C . -4.46 -5.06 4.72
C34 RIT C . -4.17 -4.04 3.83
C35 RIT C . -2.85 -3.66 3.62
O41 RIT C . -0.05 -0.76 2.88
C44 RIT C . 4.11 -1.13 5.28
C45 RIT C . 4.34 -1.01 6.77
C48 RIT C . 5.55 -1.43 7.31
C49 RIT C . 5.79 -1.32 8.68
C50 RIT C . 4.80 -0.78 9.51
C51 RIT C . 3.60 -0.35 8.98
C52 RIT C . 3.36 -0.45 7.60
N58 RIT C . 3.02 -2.70 3.77
N20 RIT C . 5.30 -4.09 4.32
C19 RIT C . 4.24 -4.72 3.49
C18 RIT C . 2.94 -4.03 3.80
O61 RIT C . 1.89 -4.62 4.03
C62 RIT C . 4.17 -6.28 3.51
C64 RIT C . 2.79 -6.90 3.74
C68 RIT C . 4.70 -6.96 2.24
C21 RIT C . 6.46 -3.45 3.98
N74 RIT C . 7.32 -3.11 4.96
C75 RIT C . 8.46 -2.21 4.77
O76 RIT C . 6.79 -3.18 2.83
C77 RIT C . 8.16 -0.72 4.80
C80 RIT C . 7.60 0.00 3.76
S81 RIT C . 7.39 1.73 4.04
C82 RIT C . 8.12 1.37 5.60
N83 RIT C . 8.46 0.09 5.84
C85 RIT C . 8.26 2.55 6.48
C86 RIT C . 9.68 3.10 6.39
C90 RIT C . 7.90 2.18 7.91
C95 RIT C . 7.23 -3.64 6.32
#